data_6EKY
#
_entry.id   6EKY
#
_cell.length_a   51.180
_cell.length_b   57.969
_cell.length_c   60.975
_cell.angle_alpha   90.00
_cell.angle_beta   110.13
_cell.angle_gamma   90.00
#
_symmetry.space_group_name_H-M   'P 1 21 1'
#
loop_
_entity.id
_entity.type
_entity.pdbx_description
1 polymer 'Aromatic peroxygenase'
2 non-polymer 'PROTOPORPHYRIN IX CONTAINING FE'
3 non-polymer 'MAGNESIUM ION'
4 non-polymer 'CHLORIDE ION'
5 non-polymer 2-acetamido-2-deoxy-beta-D-glucopyranose
6 non-polymer 'PHOSPHATE ION'
7 non-polymer GLYCEROL
8 non-polymer 1-NAPHTHOL
9 non-polymer METHANOL
10 water water
#
_entity_poly.entity_id   1
_entity_poly.type   'polypeptide(L)'
_entity_poly.pdbx_seq_one_letter_code
;EPGLPPGPLENSSAKLVNDEAHPWKPLRPGDIRGPCPGLNTLASHGYLPRNGVATPAQIINAVQEGFNFDNQAAIFATYA
AHLVDGNLITDLLSIGRKTRLTGPDPPPPASVGGLNEHGTFEGDASMTRGDAFFGNNHDFNETLFEQLVDYSNRFGGGKY
NLTVAGELRFKRIQDSIATNPNFSFVDFRFFTAYGETTFPANLFVDGRRDDGQLDMDAARSFFQFSRMPDDFFRAPSPRS
GTGVEVVVQAHPMQPGRNVGKINSYTVDPTSSDFSTPCLMYEKFVNITVKSLYPNPTVQLRKALNTNLDFLFQGVAAGCT
QVFPYGRD
;
_entity_poly.pdbx_strand_id   A
#
loop_
_chem_comp.id
_chem_comp.type
_chem_comp.name
_chem_comp.formula
1NP non-polymer 1-NAPHTHOL 'C10 H8 O'
CL non-polymer 'CHLORIDE ION' 'Cl -1'
GOL non-polymer GLYCEROL 'C3 H8 O3'
HEM non-polymer 'PROTOPORPHYRIN IX CONTAINING FE' 'C34 H32 Fe N4 O4'
MG non-polymer 'MAGNESIUM ION' 'Mg 2'
MOH non-polymer METHANOL 'C H4 O'
NAG D-saccharide, beta linking 2-acetamido-2-deoxy-beta-D-glucopyranose 'C8 H15 N O6'
PO4 non-polymer 'PHOSPHATE ION' 'O4 P -3'
#
# COMPACT_ATOMS: atom_id res chain seq x y z
N LEU A 4 17.58 -12.51 -1.36
CA LEU A 4 16.38 -13.27 -0.90
C LEU A 4 15.48 -12.40 -0.02
N PRO A 5 14.17 -12.67 -0.02
CA PRO A 5 13.30 -11.95 0.90
C PRO A 5 13.73 -12.22 2.35
N PRO A 6 13.82 -11.17 3.19
CA PRO A 6 14.07 -11.39 4.61
C PRO A 6 13.00 -12.28 5.26
N GLY A 7 13.40 -13.00 6.29
CA GLY A 7 12.48 -13.81 7.07
C GLY A 7 11.81 -12.98 8.15
N PRO A 8 10.91 -13.61 8.93
CA PRO A 8 10.24 -12.91 10.04
C PRO A 8 11.21 -12.46 11.12
N LEU A 9 10.77 -11.52 11.95
CA LEU A 9 11.59 -11.07 13.08
C LEU A 9 11.91 -12.21 14.04
N GLU A 10 13.16 -12.24 14.50
CA GLU A 10 13.59 -13.15 15.58
C GLU A 10 12.86 -12.82 16.89
N ASN A 11 12.73 -11.52 17.16
CA ASN A 11 12.03 -11.02 18.34
C ASN A 11 11.01 -9.97 17.90
N SER A 12 9.72 -10.32 18.01
CA SER A 12 8.63 -9.46 17.56
C SER A 12 7.91 -8.73 18.70
N SER A 13 8.58 -8.55 19.84
CA SER A 13 7.99 -7.81 20.96
C SER A 13 7.76 -6.35 20.62
N ALA A 14 6.83 -5.70 21.32
CA ALA A 14 6.74 -4.24 21.27
C ALA A 14 8.03 -3.65 21.81
N LYS A 15 8.49 -2.58 21.20
CA LYS A 15 9.66 -1.86 21.67
C LYS A 15 9.63 -0.46 21.10
N LEU A 16 10.42 0.42 21.71
CA LEU A 16 10.58 1.77 21.21
C LEU A 16 11.20 1.73 19.81
N VAL A 17 10.51 2.30 18.82
CA VAL A 17 11.07 2.39 17.47
C VAL A 17 11.42 3.82 17.06
N ASN A 18 10.95 4.79 17.81
CA ASN A 18 11.35 6.20 17.63
C ASN A 18 12.53 6.38 18.63
N ASP A 19 13.66 5.81 18.24
CA ASP A 19 14.82 5.72 19.13
C ASP A 19 16.00 6.54 18.59
N GLU A 20 17.10 6.54 19.34
CA GLU A 20 18.27 7.38 19.01
C GLU A 20 18.85 7.09 17.62
N ALA A 21 18.82 5.82 17.22
CA ALA A 21 19.32 5.42 15.90
C ALA A 21 18.35 5.76 14.75
N HIS A 22 17.09 6.09 15.06
CA HIS A 22 16.07 6.34 14.03
C HIS A 22 15.29 7.61 14.30
N PRO A 23 15.98 8.77 14.33
CA PRO A 23 15.28 10.03 14.56
C PRO A 23 14.54 10.50 13.32
N TRP A 24 13.44 11.22 13.52
CA TRP A 24 12.76 11.88 12.43
C TRP A 24 13.66 13.01 11.93
N LYS A 25 13.74 13.16 10.61
CA LYS A 25 14.36 14.32 10.01
C LYS A 25 13.49 14.84 8.89
N PRO A 26 13.51 16.16 8.65
CA PRO A 26 12.76 16.74 7.55
C PRO A 26 13.37 16.35 6.20
N LEU A 27 12.59 16.58 5.15
CA LEU A 27 13.05 16.28 3.81
C LEU A 27 14.15 17.23 3.36
N ARG A 28 15.13 16.67 2.66
CA ARG A 28 16.16 17.42 1.96
C ARG A 28 15.72 17.54 0.50
N PRO A 29 16.31 18.49 -0.26
CA PRO A 29 15.97 18.56 -1.68
C PRO A 29 16.27 17.23 -2.38
N GLY A 30 15.31 16.75 -3.15
CA GLY A 30 15.44 15.48 -3.84
C GLY A 30 14.86 14.28 -3.12
N ASP A 31 14.59 14.39 -1.81
CA ASP A 31 14.01 13.26 -1.07
C ASP A 31 12.59 12.98 -1.53
N ILE A 32 12.26 11.70 -1.71
CA ILE A 32 11.00 11.28 -2.29
C ILE A 32 10.10 10.67 -1.23
N ARG A 33 8.87 11.17 -1.15
CA ARG A 33 7.79 10.55 -0.37
C ARG A 33 6.59 10.40 -1.27
N GLY A 34 5.74 9.42 -0.97
CA GLY A 34 4.66 9.03 -1.87
C GLY A 34 3.35 8.78 -1.17
N PRO A 35 2.53 7.88 -1.73
CA PRO A 35 1.16 7.71 -1.23
C PRO A 35 1.02 6.83 0.01
N CYS A 36 2.12 6.21 0.47
CA CYS A 36 2.07 5.29 1.61
C CYS A 36 2.63 5.96 2.86
N PRO A 37 1.77 6.23 3.86
CA PRO A 37 2.31 6.83 5.10
C PRO A 37 3.23 5.91 5.89
N GLY A 38 3.07 4.60 5.74
CA GLY A 38 3.96 3.65 6.41
C GLY A 38 5.38 3.74 5.89
N LEU A 39 5.55 3.56 4.58
CA LEU A 39 6.87 3.68 3.98
C LEU A 39 7.45 5.08 4.12
N ASN A 40 6.62 6.11 3.98
CA ASN A 40 7.07 7.48 4.17
C ASN A 40 7.70 7.68 5.54
N THR A 41 7.02 7.16 6.57
CA THR A 41 7.49 7.31 7.96
C THR A 41 8.79 6.55 8.17
N LEU A 42 8.88 5.36 7.60
CA LEU A 42 10.11 4.57 7.70
C LEU A 42 11.29 5.29 7.05
N ALA A 43 11.07 5.92 5.90
CA ALA A 43 12.12 6.71 5.26
C ALA A 43 12.50 7.93 6.10
N SER A 44 11.50 8.61 6.67
CA SER A 44 11.76 9.82 7.46
C SER A 44 12.34 9.56 8.83
N HIS A 45 12.39 8.29 9.26
CA HIS A 45 13.11 7.87 10.47
C HIS A 45 14.37 7.06 10.16
N GLY A 46 14.74 6.94 8.89
CA GLY A 46 15.96 6.23 8.52
C GLY A 46 15.90 4.71 8.63
N TYR A 47 14.70 4.13 8.76
CA TYR A 47 14.56 2.67 8.62
C TYR A 47 14.75 2.26 7.16
N LEU A 48 14.39 3.17 6.26
CA LEU A 48 14.71 3.10 4.83
C LEU A 48 15.65 4.25 4.50
N PRO A 49 16.36 4.17 3.36
CA PRO A 49 17.12 5.34 2.92
C PRO A 49 16.26 6.59 2.91
N ARG A 50 16.80 7.69 3.43
CA ARG A 50 16.01 8.89 3.63
C ARG A 50 15.58 9.57 2.32
N ASN A 51 16.24 9.26 1.21
CA ASN A 51 15.79 9.76 -0.09
C ASN A 51 14.59 9.02 -0.70
N GLY A 52 14.11 7.95 -0.07
CA GLY A 52 12.91 7.26 -0.55
C GLY A 52 13.10 6.30 -1.70
N VAL A 53 14.35 5.89 -1.96
CA VAL A 53 14.64 4.88 -2.97
C VAL A 53 15.26 3.71 -2.23
N ALA A 54 14.73 2.50 -2.43
CA ALA A 54 15.12 1.35 -1.61
C ALA A 54 15.04 0.05 -2.39
N THR A 55 15.74 -0.97 -1.90
CA THR A 55 15.59 -2.31 -2.43
C THR A 55 14.39 -3.00 -1.79
N PRO A 56 13.85 -4.04 -2.44
CA PRO A 56 12.80 -4.84 -1.78
C PRO A 56 13.20 -5.38 -0.40
N ALA A 57 14.43 -5.89 -0.27
CA ALA A 57 14.88 -6.40 1.03
C ALA A 57 14.91 -5.30 2.10
N GLN A 58 15.36 -4.10 1.73
CA GLN A 58 15.33 -2.97 2.65
C GLN A 58 13.91 -2.64 3.09
N ILE A 59 12.96 -2.67 2.16
CA ILE A 59 11.57 -2.38 2.48
C ILE A 59 10.98 -3.41 3.44
N ILE A 60 11.20 -4.69 3.16
CA ILE A 60 10.67 -5.76 4.00
C ILE A 60 11.25 -5.67 5.41
N ASN A 61 12.57 -5.46 5.51
CA ASN A 61 13.18 -5.30 6.82
C ASN A 61 12.64 -4.09 7.57
N ALA A 62 12.44 -2.99 6.86
CA ALA A 62 11.95 -1.77 7.48
C ALA A 62 10.52 -1.91 8.03
N VAL A 63 9.61 -2.47 7.24
CA VAL A 63 8.21 -2.59 7.69
C VAL A 63 8.09 -3.54 8.90
N GLN A 64 8.92 -4.58 8.93
CA GLN A 64 8.97 -5.50 10.06
C GLN A 64 9.57 -4.83 11.28
N GLU A 65 10.76 -4.26 11.13
CA GLU A 65 11.47 -3.68 12.27
C GLU A 65 10.75 -2.47 12.86
N GLY A 66 10.31 -1.56 11.99
CA GLY A 66 9.71 -0.31 12.43
C GLY A 66 8.27 -0.42 12.90
N PHE A 67 7.49 -1.29 12.28
CA PHE A 67 6.03 -1.38 12.55
C PHE A 67 5.48 -2.77 12.91
N ASN A 68 6.32 -3.80 12.84
CA ASN A 68 5.88 -5.20 13.05
C ASN A 68 4.84 -5.65 12.01
N PHE A 69 4.99 -5.21 10.77
CA PHE A 69 4.20 -5.73 9.66
C PHE A 69 4.55 -7.21 9.51
N ASP A 70 3.58 -8.08 9.28
CA ASP A 70 3.93 -9.50 9.19
C ASP A 70 4.66 -9.83 7.88
N ASN A 71 5.47 -10.88 7.95
CA ASN A 71 6.38 -11.27 6.88
C ASN A 71 5.69 -11.59 5.56
N GLN A 72 4.63 -12.39 5.59
CA GLN A 72 3.97 -12.74 4.33
C GLN A 72 3.36 -11.52 3.64
N ALA A 73 2.73 -10.64 4.42
CA ALA A 73 2.15 -9.42 3.89
C ALA A 73 3.25 -8.50 3.35
N ALA A 74 4.35 -8.39 4.08
CA ALA A 74 5.48 -7.59 3.65
C ALA A 74 6.03 -8.06 2.31
N ILE A 75 6.18 -9.38 2.17
CA ILE A 75 6.71 -9.97 0.94
C ILE A 75 5.74 -9.75 -0.22
N PHE A 76 4.46 -10.05 -0.01
CA PHE A 76 3.51 -9.91 -1.09
C PHE A 76 3.44 -8.46 -1.60
N ALA A 77 3.27 -7.50 -0.69
CA ALA A 77 3.16 -6.10 -1.10
C ALA A 77 4.41 -5.57 -1.75
N THR A 78 5.56 -5.87 -1.15
CA THR A 78 6.82 -5.32 -1.65
C THR A 78 7.14 -5.83 -3.05
N TYR A 79 7.05 -7.13 -3.27
CA TYR A 79 7.34 -7.67 -4.60
C TYR A 79 6.27 -7.33 -5.63
N ALA A 80 5.00 -7.20 -5.21
CA ALA A 80 3.98 -6.70 -6.13
C ALA A 80 4.34 -5.29 -6.60
N ALA A 81 4.65 -4.42 -5.65
CA ALA A 81 5.02 -3.04 -5.97
C ALA A 81 6.26 -2.98 -6.85
N HIS A 82 7.28 -3.75 -6.49
CA HIS A 82 8.53 -3.74 -7.24
C HIS A 82 8.33 -4.23 -8.69
N LEU A 83 7.57 -5.30 -8.85
CA LEU A 83 7.29 -5.82 -10.20
C LEU A 83 6.66 -4.80 -11.13
N VAL A 84 5.72 -4.01 -10.62
CA VAL A 84 4.99 -3.06 -11.47
C VAL A 84 5.54 -1.63 -11.47
N ASP A 85 6.27 -1.25 -10.42
CA ASP A 85 6.74 0.13 -10.25
C ASP A 85 8.26 0.31 -10.09
N GLY A 86 8.99 -0.78 -9.87
CA GLY A 86 10.42 -0.73 -9.60
C GLY A 86 11.25 -1.18 -10.78
N ASN A 87 12.56 -0.97 -10.64
CA ASN A 87 13.52 -1.37 -11.65
C ASN A 87 14.08 -2.75 -11.30
N LEU A 88 13.75 -3.73 -12.13
CA LEU A 88 14.05 -5.13 -11.83
C LEU A 88 15.53 -5.46 -12.02
N ILE A 89 16.24 -4.68 -12.82
CA ILE A 89 17.66 -4.90 -13.08
C ILE A 89 18.50 -4.31 -11.95
N THR A 90 18.20 -3.07 -11.56
CA THR A 90 18.95 -2.42 -10.50
C THR A 90 18.46 -2.81 -9.10
N ASP A 91 17.28 -3.43 -9.01
CA ASP A 91 16.66 -3.84 -7.73
C ASP A 91 16.27 -2.64 -6.84
N LEU A 92 15.87 -1.54 -7.46
CA LEU A 92 15.51 -0.33 -6.74
C LEU A 92 14.09 0.11 -7.07
N LEU A 93 13.42 0.60 -6.03
CA LEU A 93 12.04 1.08 -6.11
C LEU A 93 11.94 2.44 -5.43
N SER A 94 11.30 3.39 -6.11
CA SER A 94 10.96 4.67 -5.50
C SER A 94 9.65 4.54 -4.74
N ILE A 95 9.61 5.04 -3.50
CA ILE A 95 8.38 5.05 -2.72
C ILE A 95 7.43 6.19 -3.12
N GLY A 96 7.80 6.98 -4.12
CA GLY A 96 6.95 8.04 -4.62
C GLY A 96 7.07 8.23 -6.12
N ARG A 97 7.51 9.42 -6.52
N ARG A 97 7.51 9.42 -6.52
CA ARG A 97 7.57 9.77 -7.94
CA ARG A 97 7.60 9.78 -7.93
C ARG A 97 8.64 8.99 -8.70
C ARG A 97 8.65 8.99 -8.70
N LYS A 98 8.47 8.97 -10.01
CA LYS A 98 9.46 8.39 -10.91
C LYS A 98 10.76 9.19 -10.78
N THR A 99 11.86 8.47 -10.79
CA THR A 99 13.16 9.10 -10.57
C THR A 99 14.23 8.39 -11.36
N ARG A 100 15.19 9.18 -11.85
CA ARG A 100 16.39 8.61 -12.49
C ARG A 100 17.26 7.83 -11.50
N LEU A 101 17.03 8.01 -10.20
CA LEU A 101 17.77 7.26 -9.18
C LEU A 101 17.53 5.75 -9.17
N THR A 102 16.46 5.28 -9.80
CA THR A 102 16.26 3.83 -9.94
C THR A 102 17.02 3.21 -11.13
N GLY A 103 17.71 4.03 -11.92
CA GLY A 103 18.65 3.54 -12.93
C GLY A 103 18.09 3.55 -14.34
N PRO A 104 18.84 2.95 -15.29
CA PRO A 104 18.39 2.89 -16.68
C PRO A 104 17.08 2.13 -16.83
N ASP A 105 16.13 2.74 -17.52
CA ASP A 105 14.80 2.16 -17.66
C ASP A 105 14.75 1.00 -18.64
N PRO A 106 13.83 0.06 -18.41
CA PRO A 106 13.53 -0.98 -19.38
C PRO A 106 12.75 -0.38 -20.54
N PRO A 107 12.52 -1.16 -21.62
CA PRO A 107 11.73 -0.60 -22.71
C PRO A 107 10.26 -0.44 -22.33
N PRO A 108 9.55 0.47 -23.01
CA PRO A 108 8.11 0.48 -22.82
C PRO A 108 7.54 -0.84 -23.32
N PRO A 109 6.39 -1.25 -22.78
CA PRO A 109 5.45 -0.41 -22.03
C PRO A 109 5.69 -0.30 -20.51
N ALA A 110 6.77 -0.88 -20.00
CA ALA A 110 7.11 -0.77 -18.59
C ALA A 110 7.39 0.69 -18.26
N SER A 111 6.88 1.15 -17.12
CA SER A 111 6.94 2.57 -16.74
C SER A 111 7.96 2.89 -15.65
N VAL A 112 8.25 1.93 -14.76
CA VAL A 112 9.14 2.12 -13.59
C VAL A 112 8.84 3.49 -12.96
N GLY A 113 7.57 3.69 -12.62
CA GLY A 113 7.05 4.99 -12.24
C GLY A 113 7.05 5.27 -10.74
N GLY A 114 7.58 4.34 -9.94
CA GLY A 114 7.52 4.47 -8.50
C GLY A 114 6.12 4.21 -7.98
N LEU A 115 5.94 4.27 -6.67
CA LEU A 115 4.63 4.06 -6.07
C LEU A 115 3.58 5.09 -6.49
N ASN A 116 4.02 6.25 -6.96
CA ASN A 116 3.09 7.25 -7.50
C ASN A 116 2.40 6.83 -8.80
N GLU A 117 2.88 5.79 -9.47
CA GLU A 117 2.26 5.40 -10.74
C GLU A 117 0.81 4.94 -10.53
N HIS A 118 -0.12 5.65 -11.15
CA HIS A 118 -1.52 5.33 -10.97
C HIS A 118 -1.92 4.05 -11.69
N GLY A 119 -2.68 3.19 -11.02
CA GLY A 119 -3.32 2.05 -11.66
C GLY A 119 -2.51 0.76 -11.65
N THR A 120 -1.30 0.80 -11.12
CA THR A 120 -0.47 -0.38 -10.96
C THR A 120 -0.66 -0.91 -9.52
N PHE A 121 -0.17 -0.17 -8.53
CA PHE A 121 -0.45 -0.45 -7.11
C PHE A 121 -1.37 0.65 -6.58
N GLU A 122 -0.94 1.90 -6.68
CA GLU A 122 -1.74 3.04 -6.25
C GLU A 122 -3.07 3.06 -6.98
N GLY A 123 -4.13 3.43 -6.27
CA GLY A 123 -5.42 3.64 -6.91
C GLY A 123 -6.40 4.51 -6.16
N ASP A 124 -7.62 4.50 -6.66
CA ASP A 124 -8.64 5.47 -6.25
C ASP A 124 -9.25 5.16 -4.88
N ALA A 125 -9.96 6.16 -4.36
CA ALA A 125 -10.66 6.11 -3.07
C ALA A 125 -9.72 5.89 -1.89
N SER A 126 -8.50 6.43 -1.98
CA SER A 126 -7.59 6.52 -0.84
C SER A 126 -8.20 7.44 0.23
N MET A 127 -7.80 7.25 1.47
CA MET A 127 -8.38 8.00 2.59
C MET A 127 -7.91 9.44 2.67
N THR A 128 -6.61 9.66 2.53
CA THR A 128 -6.01 10.98 2.75
C THR A 128 -5.32 11.54 1.51
N ARG A 129 -5.40 10.82 0.40
CA ARG A 129 -4.84 11.22 -0.90
C ARG A 129 -5.98 11.25 -1.89
N GLY A 130 -5.93 12.20 -2.82
CA GLY A 130 -6.95 12.31 -3.86
C GLY A 130 -6.76 11.32 -4.99
N ASP A 131 -7.84 11.06 -5.72
CA ASP A 131 -7.75 10.22 -6.92
C ASP A 131 -6.86 10.91 -7.96
N ALA A 132 -6.13 10.10 -8.73
CA ALA A 132 -5.25 10.63 -9.77
C ALA A 132 -5.94 11.58 -10.76
N PHE A 133 -7.21 11.30 -11.09
CA PHE A 133 -7.99 12.14 -11.99
C PHE A 133 -8.03 13.59 -11.50
N PHE A 134 -8.05 13.79 -10.20
CA PHE A 134 -8.14 15.14 -9.63
C PHE A 134 -6.81 15.88 -9.50
N GLY A 135 -5.71 15.26 -9.96
CA GLY A 135 -4.44 15.98 -10.13
C GLY A 135 -3.27 15.59 -9.25
N ASN A 136 -3.50 14.83 -8.19
CA ASN A 136 -2.43 14.49 -7.25
C ASN A 136 -2.82 13.28 -6.40
N ASN A 137 -2.21 12.15 -6.72
CA ASN A 137 -2.52 10.90 -6.03
C ASN A 137 -1.58 10.56 -4.87
N HIS A 138 -0.72 11.49 -4.47
CA HIS A 138 0.37 11.14 -3.54
C HIS A 138 0.53 12.05 -2.33
N ASP A 139 0.31 13.35 -2.48
CA ASP A 139 0.47 14.26 -1.35
C ASP A 139 -0.66 14.15 -0.34
N PHE A 140 -0.32 14.35 0.93
CA PHE A 140 -1.32 14.49 1.98
C PHE A 140 -2.32 15.58 1.61
N ASN A 141 -3.61 15.30 1.80
CA ASN A 141 -4.67 16.26 1.52
C ASN A 141 -5.38 16.60 2.83
N GLU A 142 -5.34 17.88 3.19
CA GLU A 142 -5.90 18.36 4.45
C GLU A 142 -7.43 18.18 4.52
N THR A 143 -8.13 18.49 3.44
CA THR A 143 -9.58 18.34 3.41
C THR A 143 -9.97 16.88 3.66
N LEU A 144 -9.30 15.96 2.98
CA LEU A 144 -9.57 14.54 3.16
C LEU A 144 -9.20 14.07 4.57
N PHE A 145 -8.09 14.55 5.11
CA PHE A 145 -7.75 14.23 6.49
C PHE A 145 -8.80 14.76 7.48
N GLU A 146 -9.30 15.98 7.27
CA GLU A 146 -10.34 16.53 8.13
C GLU A 146 -11.61 15.69 8.07
N GLN A 147 -11.91 15.11 6.91
CA GLN A 147 -13.01 14.17 6.80
C GLN A 147 -12.76 12.89 7.61
N LEU A 148 -11.52 12.39 7.60
CA LEU A 148 -11.15 11.27 8.46
C LEU A 148 -11.36 11.62 9.94
N VAL A 149 -10.98 12.83 10.34
CA VAL A 149 -11.21 13.31 11.71
C VAL A 149 -12.71 13.34 12.02
N ASP A 150 -13.50 13.88 11.10
CA ASP A 150 -14.95 13.94 11.27
C ASP A 150 -15.57 12.54 11.43
N TYR A 151 -15.17 11.59 10.59
CA TYR A 151 -15.65 10.20 10.71
C TYR A 151 -15.17 9.55 12.01
N SER A 152 -13.99 9.92 12.47
CA SER A 152 -13.48 9.43 13.75
C SER A 152 -14.31 9.98 14.91
N ASN A 153 -14.69 11.25 14.83
CA ASN A 153 -15.58 11.87 15.81
C ASN A 153 -16.95 11.22 15.84
N ARG A 154 -17.47 10.90 14.67
CA ARG A 154 -18.82 10.36 14.54
C ARG A 154 -18.95 8.88 14.88
N PHE A 155 -17.96 8.07 14.49
CA PHE A 155 -18.05 6.62 14.63
C PHE A 155 -17.03 6.00 15.56
N GLY A 156 -16.07 6.78 16.04
CA GLY A 156 -14.99 6.26 16.85
C GLY A 156 -14.74 6.98 18.16
N GLY A 157 -15.68 7.80 18.62
CA GLY A 157 -15.49 8.56 19.85
C GLY A 157 -14.29 9.49 19.79
N GLY A 158 -13.96 9.94 18.58
CA GLY A 158 -12.79 10.80 18.38
C GLY A 158 -11.53 10.09 17.96
N LYS A 159 -11.54 8.76 17.96
CA LYS A 159 -10.40 7.94 17.51
C LYS A 159 -10.75 7.22 16.22
N TYR A 160 -9.72 6.86 15.45
CA TYR A 160 -9.88 6.04 14.26
C TYR A 160 -9.81 4.59 14.70
N ASN A 161 -10.84 3.82 14.38
CA ASN A 161 -10.86 2.39 14.66
C ASN A 161 -11.54 1.66 13.50
N LEU A 162 -11.70 0.35 13.60
CA LEU A 162 -12.27 -0.41 12.47
C LEU A 162 -13.69 -0.01 12.09
N THR A 163 -14.49 0.47 13.05
CA THR A 163 -15.83 0.97 12.74
C THR A 163 -15.73 2.22 11.87
N VAL A 164 -14.81 3.12 12.23
CA VAL A 164 -14.58 4.32 11.44
C VAL A 164 -14.11 3.94 10.04
N ALA A 165 -13.18 2.99 9.97
CA ALA A 165 -12.68 2.47 8.70
C ALA A 165 -13.81 1.99 7.79
N GLY A 166 -14.74 1.22 8.34
CA GLY A 166 -15.88 0.74 7.56
C GLY A 166 -16.70 1.85 6.94
N GLU A 167 -16.95 2.90 7.72
CA GLU A 167 -17.75 4.02 7.22
C GLU A 167 -16.98 4.90 6.25
N LEU A 168 -15.72 5.20 6.55
CA LEU A 168 -14.92 6.07 5.70
C LEU A 168 -14.56 5.40 4.37
N ARG A 169 -14.26 4.10 4.40
CA ARG A 169 -13.98 3.35 3.16
C ARG A 169 -15.14 3.49 2.18
N PHE A 170 -16.37 3.31 2.68
CA PHE A 170 -17.56 3.43 1.85
C PHE A 170 -17.79 4.87 1.36
N LYS A 171 -17.58 5.83 2.23
N LYS A 171 -17.58 5.83 2.23
CA LYS A 171 -17.78 7.23 1.88
CA LYS A 171 -17.78 7.23 1.88
C LYS A 171 -16.84 7.62 0.69
C LYS A 171 -16.84 7.62 0.69
N ARG A 172 -15.58 7.22 0.78
CA ARG A 172 -14.60 7.52 -0.25
C ARG A 172 -15.04 6.91 -1.58
N ILE A 173 -15.48 5.66 -1.54
CA ILE A 173 -15.94 4.97 -2.75
C ILE A 173 -17.12 5.75 -3.34
N GLN A 174 -18.08 6.11 -2.53
N GLN A 174 -18.09 6.11 -2.52
CA GLN A 174 -19.25 6.81 -3.04
CA GLN A 174 -19.27 6.87 -2.97
C GLN A 174 -18.91 8.20 -3.57
C GLN A 174 -18.88 8.18 -3.60
N ASP A 175 -17.96 8.89 -2.94
CA ASP A 175 -17.51 10.18 -3.45
C ASP A 175 -16.80 10.06 -4.81
N SER A 176 -15.96 9.05 -4.98
CA SER A 176 -15.33 8.81 -6.27
C SER A 176 -16.35 8.43 -7.33
N ILE A 177 -17.34 7.61 -6.99
CA ILE A 177 -18.39 7.28 -7.96
C ILE A 177 -19.11 8.57 -8.43
N ALA A 178 -19.38 9.47 -7.50
CA ALA A 178 -20.13 10.69 -7.78
C ALA A 178 -19.37 11.76 -8.53
N THR A 179 -18.04 11.69 -8.54
CA THR A 179 -17.22 12.81 -9.05
C THR A 179 -16.07 12.43 -10.01
N ASN A 180 -15.62 11.18 -10.02
CA ASN A 180 -14.50 10.75 -10.85
C ASN A 180 -15.03 9.85 -11.97
N PRO A 181 -15.18 10.41 -13.19
CA PRO A 181 -15.71 9.60 -14.30
C PRO A 181 -14.84 8.41 -14.70
N ASN A 182 -13.59 8.43 -14.27
CA ASN A 182 -12.63 7.35 -14.52
C ASN A 182 -12.41 6.43 -13.33
N PHE A 183 -13.24 6.52 -12.30
CA PHE A 183 -13.07 5.73 -11.09
C PHE A 183 -12.93 4.24 -11.41
N SER A 184 -11.89 3.61 -10.89
CA SER A 184 -11.65 2.19 -11.09
C SER A 184 -11.48 1.52 -9.75
N PHE A 185 -12.19 0.40 -9.56
CA PHE A 185 -12.20 -0.28 -8.26
C PHE A 185 -12.33 -1.78 -8.46
N VAL A 186 -11.32 -2.34 -9.14
CA VAL A 186 -11.28 -3.76 -9.50
C VAL A 186 -9.98 -4.41 -9.07
N ASP A 187 -9.99 -5.74 -9.08
CA ASP A 187 -8.79 -6.57 -8.88
C ASP A 187 -7.88 -6.10 -7.75
N PHE A 188 -6.61 -5.79 -8.02
CA PHE A 188 -5.65 -5.53 -6.95
C PHE A 188 -6.06 -4.34 -6.08
N ARG A 189 -6.55 -3.27 -6.71
CA ARG A 189 -6.99 -2.11 -5.94
C ARG A 189 -8.20 -2.41 -5.06
N PHE A 190 -9.14 -3.22 -5.55
CA PHE A 190 -10.29 -3.64 -4.75
C PHE A 190 -9.81 -4.26 -3.43
N PHE A 191 -8.78 -5.10 -3.48
CA PHE A 191 -8.23 -5.71 -2.27
C PHE A 191 -7.49 -4.69 -1.41
N THR A 192 -6.54 -3.95 -2.00
CA THR A 192 -5.68 -3.09 -1.23
C THR A 192 -6.45 -1.95 -0.54
N ALA A 193 -7.48 -1.45 -1.21
CA ALA A 193 -8.30 -0.38 -0.65
C ALA A 193 -8.94 -0.75 0.68
N TYR A 194 -9.29 -2.02 0.87
CA TYR A 194 -9.87 -2.47 2.14
C TYR A 194 -8.79 -2.71 3.18
N GLY A 195 -7.75 -3.43 2.80
CA GLY A 195 -6.65 -3.72 3.73
C GLY A 195 -6.03 -2.48 4.33
N GLU A 196 -5.77 -1.48 3.49
CA GLU A 196 -5.11 -0.25 3.96
C GLU A 196 -5.88 0.50 5.04
N THR A 197 -7.21 0.37 5.05
CA THR A 197 -7.98 1.07 6.07
C THR A 197 -7.83 0.45 7.46
N THR A 198 -7.37 -0.80 7.54
CA THR A 198 -7.08 -1.43 8.83
C THR A 198 -5.72 -1.03 9.39
N PHE A 199 -4.79 -0.65 8.52
CA PHE A 199 -3.40 -0.44 8.95
C PHE A 199 -3.23 0.64 10.01
N PRO A 200 -3.97 1.77 9.94
CA PRO A 200 -3.76 2.75 11.01
C PRO A 200 -4.19 2.22 12.39
N ALA A 201 -5.27 1.44 12.43
CA ALA A 201 -5.72 0.82 13.68
C ALA A 201 -4.79 -0.28 14.19
N ASN A 202 -4.16 -1.03 13.27
CA ASN A 202 -3.34 -2.18 13.63
C ASN A 202 -1.88 -1.83 13.88
N LEU A 203 -1.38 -0.78 13.22
CA LEU A 203 0.06 -0.50 13.16
C LEU A 203 0.47 0.90 13.60
N PHE A 204 -0.42 1.89 13.55
CA PHE A 204 -0.08 3.24 14.03
C PHE A 204 -0.47 3.47 15.49
N VAL A 205 -1.11 2.48 16.11
CA VAL A 205 -1.45 2.52 17.53
C VAL A 205 -0.27 2.01 18.33
N ASP A 206 0.16 2.79 19.33
CA ASP A 206 1.27 2.42 20.18
C ASP A 206 1.10 1.00 20.71
N GLY A 207 2.13 0.19 20.55
CA GLY A 207 2.08 -1.24 20.86
C GLY A 207 1.89 -1.63 22.31
N ARG A 208 2.12 -0.69 23.23
CA ARG A 208 1.85 -0.93 24.65
C ARG A 208 0.37 -0.92 24.95
N ARG A 209 -0.40 -0.30 24.06
CA ARG A 209 -1.85 -0.26 24.15
C ARG A 209 -2.46 -1.30 23.22
N ASP A 210 -2.09 -1.25 21.93
CA ASP A 210 -2.63 -2.16 20.91
C ASP A 210 -4.15 -2.35 20.99
N ASP A 211 -4.87 -1.26 21.22
CA ASP A 211 -6.31 -1.31 21.46
C ASP A 211 -7.15 -0.98 20.23
N GLY A 212 -6.49 -0.76 19.09
CA GLY A 212 -7.18 -0.45 17.85
C GLY A 212 -7.79 0.94 17.77
N GLN A 213 -7.41 1.84 18.69
CA GLN A 213 -8.01 3.17 18.76
C GLN A 213 -6.91 4.21 18.51
N LEU A 214 -6.85 4.74 17.29
CA LEU A 214 -5.80 5.68 16.93
C LEU A 214 -6.24 7.12 17.19
N ASP A 215 -5.48 7.85 18.00
CA ASP A 215 -5.80 9.25 18.26
C ASP A 215 -5.41 10.13 17.06
N MET A 216 -6.06 11.28 16.96
CA MET A 216 -5.88 12.16 15.81
C MET A 216 -4.54 12.89 15.78
N ASP A 217 -3.91 13.10 16.93
CA ASP A 217 -2.57 13.69 16.94
C ASP A 217 -1.57 12.72 16.30
N ALA A 218 -1.62 11.45 16.72
CA ALA A 218 -0.79 10.42 16.10
C ALA A 218 -1.15 10.23 14.62
N ALA A 219 -2.45 10.19 14.30
CA ALA A 219 -2.86 10.03 12.91
C ALA A 219 -2.28 11.13 12.02
N ARG A 220 -2.38 12.39 12.45
CA ARG A 220 -1.81 13.48 11.65
C ARG A 220 -0.29 13.34 11.52
N SER A 221 0.37 12.98 12.61
CA SER A 221 1.82 12.83 12.62
C SER A 221 2.28 11.86 11.53
N PHE A 222 1.63 10.70 11.46
CA PHE A 222 1.96 9.71 10.43
C PHE A 222 1.51 10.15 9.02
N PHE A 223 0.23 10.48 8.88
CA PHE A 223 -0.35 10.74 7.55
C PHE A 223 0.21 11.97 6.86
N GLN A 224 0.47 13.03 7.63
CA GLN A 224 0.95 14.30 7.07
C GLN A 224 2.47 14.42 7.15
N PHE A 225 3.03 14.17 8.32
CA PHE A 225 4.44 14.46 8.57
C PHE A 225 5.39 13.29 8.48
N SER A 226 4.88 12.09 8.23
CA SER A 226 5.72 10.89 8.14
C SER A 226 6.57 10.73 9.42
N ARG A 227 5.92 10.97 10.56
N ARG A 227 5.92 10.95 10.56
CA ARG A 227 6.63 11.13 11.83
CA ARG A 227 6.62 11.11 11.82
C ARG A 227 5.96 10.29 12.92
C ARG A 227 5.96 10.29 12.92
N MET A 228 6.75 9.43 13.56
CA MET A 228 6.29 8.67 14.71
C MET A 228 6.10 9.61 15.87
N PRO A 229 5.05 9.43 16.67
CA PRO A 229 4.95 10.14 17.95
C PRO A 229 6.21 9.97 18.80
N ASP A 230 6.52 10.98 19.61
CA ASP A 230 7.59 10.86 20.60
C ASP A 230 7.32 9.62 21.47
N ASP A 231 8.35 8.79 21.63
CA ASP A 231 8.27 7.56 22.43
C ASP A 231 7.40 6.46 21.83
N PHE A 232 7.19 6.48 20.51
CA PHE A 232 6.34 5.47 19.85
C PHE A 232 6.92 4.07 19.96
N PHE A 233 6.11 3.15 20.49
CA PHE A 233 6.40 1.72 20.49
C PHE A 233 5.62 1.08 19.35
N ARG A 234 6.30 0.24 18.59
CA ARG A 234 5.63 -0.56 17.55
C ARG A 234 4.69 -1.58 18.17
N ALA A 235 3.82 -2.11 17.31
CA ALA A 235 2.88 -3.17 17.66
C ALA A 235 3.57 -4.36 18.34
N PRO A 236 2.86 -5.07 19.23
CA PRO A 236 3.46 -6.12 20.05
C PRO A 236 3.59 -7.49 19.40
N SER A 237 3.13 -7.64 18.16
CA SER A 237 3.22 -8.90 17.43
C SER A 237 3.09 -8.59 15.94
N PRO A 238 3.47 -9.55 15.07
CA PRO A 238 3.36 -9.26 13.64
C PRO A 238 1.91 -9.26 13.18
N ARG A 239 1.53 -8.24 12.40
CA ARG A 239 0.19 -8.20 11.82
C ARG A 239 0.16 -7.31 10.58
N SER A 240 -0.94 -7.37 9.85
CA SER A 240 -1.17 -6.47 8.73
C SER A 240 -2.65 -6.09 8.70
N GLY A 241 -3.45 -6.91 8.02
CA GLY A 241 -4.84 -6.57 7.77
C GLY A 241 -5.90 -7.20 8.66
N THR A 242 -5.57 -7.60 9.86
N THR A 242 -5.55 -7.46 9.92
CA THR A 242 -6.60 -8.22 10.67
CA THR A 242 -6.50 -7.92 10.95
C THR A 242 -7.69 -7.17 10.97
C THR A 242 -7.73 -7.04 10.98
N GLY A 243 -8.93 -7.62 10.89
CA GLY A 243 -10.12 -6.80 11.01
C GLY A 243 -10.67 -6.29 9.70
N VAL A 244 -10.06 -6.63 8.58
CA VAL A 244 -10.60 -6.21 7.29
C VAL A 244 -12.05 -6.71 7.09
N GLU A 245 -12.39 -7.88 7.66
CA GLU A 245 -13.76 -8.36 7.62
C GLU A 245 -14.78 -7.36 8.20
N VAL A 246 -14.39 -6.63 9.23
CA VAL A 246 -15.26 -5.61 9.84
C VAL A 246 -15.54 -4.48 8.83
N VAL A 247 -14.51 -4.07 8.12
CA VAL A 247 -14.60 -2.98 7.14
C VAL A 247 -15.50 -3.39 5.98
N VAL A 248 -15.30 -4.59 5.45
CA VAL A 248 -16.14 -5.12 4.37
C VAL A 248 -17.59 -5.26 4.81
N GLN A 249 -17.79 -5.88 5.97
CA GLN A 249 -19.15 -6.14 6.48
C GLN A 249 -19.98 -4.89 6.64
N ALA A 250 -19.34 -3.77 6.95
CA ALA A 250 -20.06 -2.52 7.13
C ALA A 250 -20.85 -2.10 5.88
N HIS A 251 -20.24 -2.31 4.71
CA HIS A 251 -20.83 -1.87 3.42
C HIS A 251 -20.28 -2.73 2.29
N PRO A 252 -20.75 -3.98 2.17
CA PRO A 252 -20.16 -4.85 1.16
C PRO A 252 -20.33 -4.30 -0.25
N MET A 253 -19.24 -4.33 -1.01
CA MET A 253 -19.18 -3.81 -2.38
C MET A 253 -18.77 -4.90 -3.34
N GLN A 254 -19.17 -4.71 -4.60
CA GLN A 254 -18.68 -5.50 -5.72
C GLN A 254 -17.62 -4.70 -6.47
N PRO A 255 -16.65 -5.37 -7.09
CA PRO A 255 -15.66 -4.66 -7.91
C PRO A 255 -16.27 -4.12 -9.20
N GLY A 256 -15.82 -2.95 -9.61
CA GLY A 256 -16.36 -2.30 -10.79
C GLY A 256 -15.67 -0.99 -11.08
N ARG A 257 -16.25 -0.23 -11.98
CA ARG A 257 -15.68 1.04 -12.40
C ARG A 257 -16.77 1.94 -12.93
N ASN A 258 -16.55 3.25 -12.84
CA ASN A 258 -17.33 4.18 -13.67
C ASN A 258 -16.89 3.99 -15.12
N VAL A 259 -17.81 4.25 -16.04
CA VAL A 259 -17.57 3.96 -17.46
C VAL A 259 -17.51 5.25 -18.29
N GLY A 260 -16.66 6.17 -17.84
CA GLY A 260 -16.42 7.42 -18.55
C GLY A 260 -17.35 8.56 -18.15
N LYS A 261 -18.23 8.30 -17.19
CA LYS A 261 -19.16 9.30 -16.66
C LYS A 261 -19.28 9.09 -15.17
N ILE A 262 -19.62 10.15 -14.45
CA ILE A 262 -19.96 10.02 -13.05
C ILE A 262 -21.23 9.18 -12.90
N ASN A 263 -21.44 8.60 -11.72
CA ASN A 263 -22.61 7.81 -11.39
C ASN A 263 -22.93 6.78 -12.44
N SER A 264 -21.93 6.02 -12.85
CA SER A 264 -22.11 4.96 -13.84
C SER A 264 -21.40 3.68 -13.40
N TYR A 265 -21.37 3.42 -12.10
CA TYR A 265 -20.56 2.33 -11.56
C TYR A 265 -21.11 1.01 -12.08
N THR A 266 -20.26 0.27 -12.77
CA THR A 266 -20.65 -0.92 -13.51
C THR A 266 -19.79 -2.06 -13.02
N VAL A 267 -20.44 -3.10 -12.52
CA VAL A 267 -19.76 -4.24 -11.94
C VAL A 267 -18.99 -5.02 -13.03
N ASP A 268 -17.79 -5.47 -12.67
CA ASP A 268 -16.93 -6.19 -13.59
C ASP A 268 -16.90 -7.66 -13.17
N PRO A 269 -17.62 -8.54 -13.91
CA PRO A 269 -17.60 -9.97 -13.56
C PRO A 269 -16.29 -10.70 -13.85
N THR A 270 -15.37 -10.07 -14.58
N THR A 270 -15.38 -10.06 -14.59
CA THR A 270 -14.06 -10.65 -14.80
CA THR A 270 -14.06 -10.61 -14.84
C THR A 270 -13.06 -10.27 -13.71
C THR A 270 -13.08 -10.29 -13.70
N SER A 271 -13.43 -9.35 -12.81
CA SER A 271 -12.58 -9.03 -11.66
C SER A 271 -12.62 -10.14 -10.64
N SER A 272 -11.50 -10.31 -9.93
CA SER A 272 -11.51 -11.04 -8.67
C SER A 272 -12.31 -10.26 -7.64
N ASP A 273 -12.73 -10.96 -6.59
CA ASP A 273 -13.31 -10.31 -5.40
C ASP A 273 -12.85 -11.12 -4.19
N PHE A 274 -13.40 -10.87 -3.01
CA PHE A 274 -12.91 -11.56 -1.81
C PHE A 274 -13.20 -13.06 -1.78
N SER A 275 -14.07 -13.54 -2.66
CA SER A 275 -14.32 -14.97 -2.83
C SER A 275 -13.26 -15.67 -3.69
N THR A 276 -12.42 -14.91 -4.41
CA THR A 276 -11.47 -15.45 -5.38
C THR A 276 -10.07 -14.81 -5.26
N PRO A 277 -9.45 -14.92 -4.07
CA PRO A 277 -8.11 -14.33 -3.91
C PRO A 277 -7.06 -14.90 -4.86
N CYS A 278 -7.15 -16.18 -5.21
CA CYS A 278 -6.18 -16.74 -6.14
C CYS A 278 -6.31 -16.16 -7.55
N LEU A 279 -7.53 -15.81 -7.97
CA LEU A 279 -7.72 -15.10 -9.23
C LEU A 279 -7.04 -13.72 -9.22
N MET A 280 -7.09 -13.02 -8.09
N MET A 280 -7.09 -13.02 -8.09
CA MET A 280 -6.39 -11.74 -7.95
CA MET A 280 -6.40 -11.74 -7.97
C MET A 280 -4.90 -11.89 -8.22
C MET A 280 -4.90 -11.89 -8.22
N TYR A 281 -4.29 -12.90 -7.61
CA TYR A 281 -2.86 -13.20 -7.84
C TYR A 281 -2.60 -13.58 -9.30
N GLU A 282 -3.43 -14.46 -9.87
CA GLU A 282 -3.20 -14.92 -11.24
C GLU A 282 -3.31 -13.80 -12.27
N LYS A 283 -4.30 -12.92 -12.11
CA LYS A 283 -4.45 -11.78 -13.01
C LYS A 283 -3.33 -10.78 -12.82
N PHE A 284 -2.91 -10.57 -11.58
CA PHE A 284 -1.81 -9.64 -11.33
C PHE A 284 -0.57 -10.06 -12.13
N VAL A 285 -0.25 -11.35 -12.09
CA VAL A 285 0.91 -11.86 -12.83
C VAL A 285 0.66 -11.96 -14.34
N ASN A 286 -0.43 -12.63 -14.73
CA ASN A 286 -0.69 -12.91 -16.15
C ASN A 286 -1.06 -11.72 -16.99
N ILE A 287 -1.67 -10.72 -16.36
CA ILE A 287 -2.16 -9.56 -17.08
C ILE A 287 -1.35 -8.33 -16.71
N THR A 288 -1.32 -7.96 -15.44
CA THR A 288 -0.67 -6.70 -15.05
C THR A 288 0.85 -6.75 -15.31
N VAL A 289 1.55 -7.72 -14.73
CA VAL A 289 3.00 -7.79 -14.88
C VAL A 289 3.36 -8.09 -16.34
N LYS A 290 2.69 -9.09 -16.92
CA LYS A 290 2.98 -9.52 -18.29
C LYS A 290 2.79 -8.39 -19.30
N SER A 291 1.76 -7.56 -19.10
CA SER A 291 1.52 -6.43 -20.02
C SER A 291 2.61 -5.35 -19.98
N LEU A 292 3.27 -5.19 -18.83
CA LEU A 292 4.42 -4.26 -18.72
C LEU A 292 5.67 -4.82 -19.36
N TYR A 293 5.81 -6.15 -19.32
CA TYR A 293 6.97 -6.85 -19.87
C TYR A 293 6.52 -8.00 -20.77
N PRO A 294 5.96 -7.68 -21.96
CA PRO A 294 5.38 -8.75 -22.80
C PRO A 294 6.40 -9.71 -23.42
N ASN A 295 7.57 -9.19 -23.79
CA ASN A 295 8.60 -10.03 -24.42
C ASN A 295 9.99 -9.59 -23.96
N PRO A 296 10.32 -9.87 -22.70
CA PRO A 296 11.54 -9.34 -22.13
C PRO A 296 12.79 -10.00 -22.67
N THR A 297 13.86 -9.22 -22.76
CA THR A 297 15.18 -9.75 -23.07
C THR A 297 15.67 -10.61 -21.91
N VAL A 298 16.73 -11.35 -22.18
CA VAL A 298 17.24 -12.37 -21.27
C VAL A 298 17.46 -11.93 -19.81
N GLN A 299 18.11 -10.79 -19.59
CA GLN A 299 18.39 -10.38 -18.20
C GLN A 299 17.13 -9.92 -17.48
N LEU A 300 16.22 -9.26 -18.21
CA LEU A 300 14.92 -8.89 -17.64
C LEU A 300 14.06 -10.09 -17.31
N ARG A 301 14.04 -11.08 -18.21
CA ARG A 301 13.27 -12.30 -17.99
C ARG A 301 13.73 -13.00 -16.71
N LYS A 302 15.04 -13.11 -16.51
CA LYS A 302 15.60 -13.70 -15.31
C LYS A 302 15.16 -12.94 -14.05
N ALA A 303 15.25 -11.61 -14.10
CA ALA A 303 14.86 -10.78 -12.97
C ALA A 303 13.36 -10.86 -12.67
N LEU A 304 12.56 -10.91 -13.73
CA LEU A 304 11.10 -11.08 -13.58
C LEU A 304 10.81 -12.41 -12.87
N ASN A 305 11.40 -13.50 -13.35
CA ASN A 305 11.11 -14.81 -12.77
C ASN A 305 11.53 -14.91 -11.30
N THR A 306 12.67 -14.33 -10.96
CA THR A 306 13.14 -14.31 -9.57
C THR A 306 12.16 -13.55 -8.66
N ASN A 307 11.79 -12.35 -9.09
CA ASN A 307 10.86 -11.52 -8.31
C ASN A 307 9.45 -12.12 -8.26
N LEU A 308 9.03 -12.81 -9.31
CA LEU A 308 7.77 -13.54 -9.31
C LEU A 308 7.77 -14.72 -8.34
N ASP A 309 8.91 -15.41 -8.23
CA ASP A 309 9.08 -16.47 -7.22
C ASP A 309 8.95 -15.89 -5.82
N PHE A 310 9.61 -14.75 -5.58
CA PHE A 310 9.53 -14.08 -4.29
C PHE A 310 8.11 -13.62 -3.97
N LEU A 311 7.42 -13.06 -4.97
CA LEU A 311 6.01 -12.66 -4.82
C LEU A 311 5.17 -13.85 -4.36
N PHE A 312 5.37 -15.00 -5.01
CA PHE A 312 4.60 -16.19 -4.66
C PHE A 312 4.83 -16.66 -3.21
N GLN A 313 6.01 -16.43 -2.66
CA GLN A 313 6.25 -16.73 -1.23
C GLN A 313 5.29 -15.99 -0.30
N GLY A 314 4.84 -14.80 -0.71
CA GLY A 314 3.92 -13.99 0.07
C GLY A 314 2.45 -14.30 -0.13
N VAL A 315 2.12 -15.19 -1.07
CA VAL A 315 0.74 -15.52 -1.36
C VAL A 315 0.23 -16.42 -0.24
N ALA A 316 -0.72 -15.90 0.54
CA ALA A 316 -1.20 -16.55 1.75
C ALA A 316 -2.52 -17.33 1.60
N ALA A 317 -3.04 -17.45 0.38
CA ALA A 317 -4.38 -18.05 0.15
C ALA A 317 -4.42 -19.49 -0.44
N GLY A 318 -3.32 -20.23 -0.36
CA GLY A 318 -3.28 -21.64 -0.84
C GLY A 318 -3.33 -21.80 -2.35
N CYS A 319 -2.80 -20.80 -3.05
CA CYS A 319 -2.86 -20.72 -4.50
C CYS A 319 -1.74 -21.52 -5.15
N THR A 320 -1.98 -21.88 -6.40
CA THR A 320 -1.00 -22.51 -7.29
C THR A 320 -0.21 -21.40 -7.99
N GLN A 321 1.11 -21.56 -8.08
CA GLN A 321 1.96 -20.58 -8.78
C GLN A 321 1.70 -20.63 -10.28
N VAL A 322 1.73 -19.45 -10.92
CA VAL A 322 1.63 -19.35 -12.38
C VAL A 322 2.92 -18.76 -12.95
N PHE A 323 3.23 -19.15 -14.18
CA PHE A 323 4.54 -18.89 -14.80
C PHE A 323 4.39 -18.23 -16.17
N PRO A 324 4.33 -16.90 -16.21
CA PRO A 324 4.11 -16.20 -17.48
C PRO A 324 5.26 -16.28 -18.49
N TYR A 325 6.48 -16.54 -18.02
CA TYR A 325 7.67 -16.59 -18.87
C TYR A 325 8.29 -17.98 -18.85
N GLY A 326 7.46 -18.98 -18.55
CA GLY A 326 7.93 -20.36 -18.46
C GLY A 326 8.57 -20.67 -17.13
N ARG A 327 8.83 -21.96 -16.94
CA ARG A 327 9.50 -22.46 -15.74
C ARG A 327 10.98 -22.11 -15.79
CHA HEM B . -1.46 2.69 0.97
CHB HEM B . 2.71 0.78 -0.60
CHC HEM B . 3.15 -1.32 3.79
CHD HEM B . 0.17 2.09 5.51
C1A HEM B . -0.39 2.34 0.17
C2A HEM B . -0.24 2.71 -1.19
C3A HEM B . 0.92 2.17 -1.63
C4A HEM B . 1.51 1.47 -0.56
CMA HEM B . 1.49 2.31 -3.01
CAA HEM B . -1.20 3.54 -1.98
CBA HEM B . -2.59 2.90 -1.96
CGA HEM B . -3.63 3.92 -2.31
O1A HEM B . -3.81 4.25 -3.51
O2A HEM B . -4.31 4.45 -1.41
C1B HEM B . 3.14 -0.02 0.48
C2B HEM B . 4.21 -0.94 0.36
C3B HEM B . 4.36 -1.55 1.57
C4B HEM B . 3.33 -0.96 2.45
CMB HEM B . 5.03 -1.21 -0.87
CAB HEM B . 5.35 -2.58 1.93
CBB HEM B . 5.06 -3.48 2.86
C1C HEM B . 2.50 -0.47 4.68
C2C HEM B . 2.69 -0.41 6.08
C3C HEM B . 1.84 0.57 6.56
C4C HEM B . 1.12 1.10 5.44
CMC HEM B . 3.64 -1.24 6.88
CAC HEM B . 1.69 0.99 7.97
CBC HEM B . 2.65 0.68 8.84
C1D HEM B . -0.56 2.47 4.38
C2D HEM B . -1.76 3.32 4.48
C3D HEM B . -2.21 3.49 3.22
C4D HEM B . -1.30 2.74 2.35
CMD HEM B . -2.36 3.89 5.74
CAD HEM B . -3.42 4.28 2.80
CBD HEM B . -3.12 5.78 2.95
CGD HEM B . -4.33 6.57 2.53
O1D HEM B . -5.26 6.01 1.89
O2D HEM B . -4.42 7.78 2.82
NA HEM B . 0.69 1.58 0.53
NB HEM B . 2.65 -0.07 1.73
NC HEM B . 1.55 0.44 4.32
ND HEM B . -0.33 2.16 3.10
FE HEM B . 1.05 1.11 2.42
MG MG C . -4.64 6.31 -4.16
CL CL D . 5.81 -12.27 10.47
C1 NAG E . 12.77 -9.30 22.90
C2 NAG E . 13.60 -9.84 24.06
C3 NAG E . 13.09 -9.28 25.38
C4 NAG E . 12.95 -7.76 25.32
C5 NAG E . 12.17 -7.32 24.08
C6 NAG E . 12.12 -5.80 23.93
C7 NAG E . 14.59 -12.08 23.82
C8 NAG E . 14.30 -13.56 23.77
N2 NAG E . 13.52 -11.29 24.01
O3 NAG E . 13.99 -9.64 26.44
O4 NAG E . 12.29 -7.31 26.51
O5 NAG E . 12.79 -7.88 22.92
O6 NAG E . 13.35 -5.31 23.40
O7 NAG E . 15.73 -11.66 23.71
C1 NAG F . -2.49 -17.55 -16.03
C2 NAG F . -3.90 -18.10 -16.16
C3 NAG F . -3.88 -19.60 -15.89
C4 NAG F . -2.87 -20.27 -16.81
C5 NAG F . -1.50 -19.59 -16.72
C6 NAG F . -0.54 -20.17 -17.75
C7 NAG F . -5.61 -16.43 -15.57
C8 NAG F . -6.52 -15.95 -14.49
N2 NAG F . -4.84 -17.48 -15.24
O3 NAG F . -5.18 -20.16 -16.12
O4 NAG F . -2.75 -21.65 -16.40
O5 NAG F . -1.64 -18.20 -16.98
O6 NAG F . 0.75 -19.58 -17.58
O7 NAG F . -5.58 -15.89 -16.67
C1 NAG G . -7.89 17.89 -1.54
C2 NAG G . -7.60 18.54 -2.89
C3 NAG G . -8.75 19.46 -3.28
C4 NAG G . -10.05 18.66 -3.24
C5 NAG G . -10.22 18.05 -1.86
C6 NAG G . -11.51 17.27 -1.66
C7 NAG G . -5.89 20.18 -2.12
C8 NAG G . -4.53 20.73 -2.44
N2 NAG G . -6.32 19.24 -2.96
O3 NAG G . -8.50 20.01 -4.58
O4 NAG G . -11.16 19.52 -3.54
O5 NAG G . -9.12 17.18 -1.60
O6 NAG G . -11.63 16.17 -2.57
O7 NAG G . -6.53 20.60 -1.18
C1 NAG H . -14.90 2.46 17.62
C2 NAG H . -15.30 1.07 18.14
C3 NAG H . -16.78 1.05 18.49
C4 NAG H . -17.11 2.16 19.47
C5 NAG H . -16.56 3.51 19.00
C6 NAG H . -16.70 4.56 20.10
C7 NAG H . -13.93 -0.82 17.33
C8 NAG H . -13.77 -1.86 16.27
N2 NAG H . -14.97 0.00 17.20
O3 NAG H . -17.11 -0.21 19.08
O4 NAG H . -18.53 2.25 19.62
O5 NAG H . -15.17 3.40 18.65
O6 NAG H . -15.81 4.27 21.18
O7 NAG H . -13.14 -0.74 18.25
C1 NAG I . -8.19 6.16 -16.00
C2 NAG I . -6.79 6.42 -15.45
C3 NAG I . -5.79 5.62 -16.27
C4 NAG I . -6.13 4.14 -16.17
C5 NAG I . -7.59 3.86 -16.51
C6 NAG I . -7.94 2.46 -16.04
C7 NAG I . -6.58 8.64 -14.41
C8 NAG I . -5.97 10.02 -14.53
N2 NAG I . -6.33 7.80 -15.42
O3 NAG I . -4.46 5.85 -15.80
O4 NAG I . -5.26 3.40 -17.04
O5 NAG I . -8.49 4.77 -15.85
O6 NAG I . -9.25 2.09 -16.50
O7 NAG I . -7.28 8.31 -13.46
P PO4 J . 15.63 12.70 -10.25
O1 PO4 J . 14.84 12.20 -9.08
O2 PO4 J . 15.15 12.01 -11.52
O3 PO4 J . 15.43 14.20 -10.40
O4 PO4 J . 17.10 12.39 -10.05
C1 GOL K . 3.66 7.39 22.23
O1 GOL K . 3.14 6.51 21.24
C2 GOL K . 2.88 7.34 23.56
O2 GOL K . 1.52 7.70 23.35
C3 GOL K . 3.59 8.32 24.50
O3 GOL K . 2.84 8.61 25.69
C1 GOL L . 2.51 19.16 4.86
O1 GOL L . 1.62 18.34 4.11
C2 GOL L . 3.94 18.93 4.36
O2 GOL L . 4.23 19.84 3.30
C3 GOL L . 4.95 19.13 5.50
O3 GOL L . 6.08 18.26 5.37
C1 GOL M . -5.27 17.16 15.30
O1 GOL M . -4.64 16.26 14.38
C2 GOL M . -6.66 17.59 14.83
O2 GOL M . -7.62 16.58 15.17
C3 GOL M . -6.65 17.78 13.33
O3 GOL M . -7.84 18.40 12.83
O1 1NP N . 1.48 -2.96 1.80
O1 1NP N . -3.57 -2.67 0.57
O1 1NP N . 1.14 -5.54 2.44
O1 1NP N . -4.19 -5.04 1.35
C1 1NP N . 0.19 -2.93 1.47
C1 1NP N . -2.28 -2.75 0.88
C1 1NP N . -0.16 -5.36 2.07
C1 1NP N . -2.84 -5.07 1.57
C8A 1NP N . -0.64 -4.12 1.59
C8A 1NP N . -1.76 -4.05 1.31
C8A 1NP N . -0.60 -4.04 1.59
C8A 1NP N . -2.02 -3.85 1.37
C8 1NP N . -0.10 -5.29 2.06
C8 1NP N . -2.57 -5.16 1.40
C8 1NP N . 0.27 -2.97 1.53
C8 1NP N . -2.56 -2.64 0.98
C7 1NP N . -0.93 -6.40 2.16
C7 1NP N . -2.01 -6.36 1.82
C7 1NP N . -0.22 -1.77 1.08
C7 1NP N . -1.73 -1.54 0.82
C2 1NP N . -0.36 -1.76 1.00
C2 1NP N . -1.41 -1.68 0.81
C2 1NP N . -1.06 -6.40 2.12
C2 1NP N . -2.23 -6.25 1.96
C3 1NP N . -1.69 -1.74 0.68
C3 1NP N . -0.09 -1.79 1.15
C3 1NP N . -2.39 -6.21 1.73
C3 1NP N . -0.84 -6.29 2.18
C4 1NP N . -2.54 -2.82 0.77
C4 1NP N . 0.45 -2.98 1.59
C4 1NP N . -2.87 -4.99 1.28
C4 1NP N . -0.02 -5.18 2.00
C4A 1NP N . -2.06 -4.02 1.23
C4A 1NP N . -0.33 -4.11 1.67
C4A 1NP N . -2.02 -3.90 1.20
C4A 1NP N . -0.56 -3.96 1.61
C5 1NP N . -2.85 -5.15 1.35
C5 1NP N . 0.17 -5.32 2.09
C5 1NP N . -2.46 -2.67 0.76
C5 1NP N . 0.23 -2.83 1.44
C6 1NP N . -2.27 -6.33 1.81
C6 1NP N . -0.66 -6.43 2.17
C6 1NP N . -1.53 -1.64 0.71
C6 1NP N . -0.36 -1.63 1.04
O1 1NP O . -7.66 -10.22 3.67
O1 1NP O . -5.82 -5.71 1.40
C1 1NP O . -7.15 -9.10 3.14
C1 1NP O . -6.24 -6.85 2.01
C8A 1NP O . -5.83 -8.61 3.58
C8A 1NP O . -5.39 -7.49 3.02
C8 1NP O . -5.09 -9.28 4.55
C8 1NP O . -4.15 -6.99 3.39
C7 1NP O . -3.85 -8.77 4.92
C7 1NP O . -3.40 -7.65 4.35
C2 1NP O . -7.85 -8.40 2.18
C2 1NP O . -7.47 -7.41 1.69
C3 1NP O . -7.33 -7.24 1.63
C3 1NP O . -7.90 -8.59 2.32
C4 1NP O . -6.08 -6.73 2.01
C4 1NP O . -7.13 -9.23 3.28
C4A 1NP O . -5.31 -7.37 2.98
C4A 1NP O . -5.89 -8.73 3.67
C5 1NP O . -4.07 -6.90 3.37
C5 1NP O . -5.10 -9.35 4.62
C6 1NP O . -3.35 -7.60 4.35
C6 1NP O . -3.86 -8.81 4.96
O1 1NP P . -10.42 -12.88 0.22
C1 1NP P . -9.72 -13.93 0.74
C8A 1NP P . -8.31 -13.70 1.12
C8 1NP P . -7.70 -12.45 0.97
C7 1NP P . -6.38 -12.28 1.35
C2 1NP P . -10.29 -15.20 0.91
C3 1NP P . -9.53 -16.24 1.45
C4 1NP P . -8.19 -16.08 1.82
C4A 1NP P . -7.55 -14.84 1.69
C5 1NP P . -6.22 -14.62 2.06
C6 1NP P . -5.65 -13.35 1.88
O1 1NP Q . -8.59 -10.54 6.44
C1 1NP Q . -8.90 -11.67 5.76
C8A 1NP Q . -10.12 -11.76 4.90
C8 1NP Q . -11.04 -10.73 4.73
C7 1NP Q . -12.17 -10.89 3.93
C2 1NP Q . -8.04 -12.77 5.84
C3 1NP Q . -8.33 -13.95 5.14
C4 1NP Q . -9.47 -14.06 4.34
C4A 1NP Q . -10.37 -13.03 4.19
C5 1NP Q . -11.50 -13.15 3.39
C6 1NP Q . -12.39 -12.09 3.26
O1 1NP R . -1.24 -12.75 0.82
C1 1NP R . -2.24 -11.92 0.41
C8A 1NP R . -3.01 -12.27 -0.81
C8 1NP R . -2.77 -13.42 -1.56
C7 1NP R . -3.53 -13.69 -2.69
C2 1NP R . -2.58 -10.75 1.09
C3 1NP R . -3.60 -9.91 0.64
C4 1NP R . -4.36 -10.19 -0.50
C4A 1NP R . -4.09 -11.34 -1.22
C5 1NP R . -4.83 -11.66 -2.33
C6 1NP R . -4.55 -12.82 -3.06
C MOH S . 12.58 10.50 -14.34
O MOH S . 13.11 9.35 -14.96
C MOH T . 15.08 -17.16 -22.33
O MOH T . 13.82 -17.80 -22.45
C MOH U . -0.92 20.11 -1.82
O MOH U . -1.04 19.31 -2.98
C MOH V . 4.46 17.50 -5.12
O MOH V . 3.45 17.48 -6.11
C MOH W . 17.72 -9.46 -6.48
O MOH W . 16.58 -10.13 -6.97
C MOH X . -6.50 1.25 -12.87
O MOH X . -5.83 0.04 -12.63
C MOH Y . -15.10 17.17 7.11
O MOH Y . -14.39 18.34 7.48
C MOH Z . 20.08 -0.97 4.56
O MOH Z . 20.63 -2.07 3.86
C MOH AA . -3.68 23.64 3.80
O MOH AA . -5.09 23.49 3.84
C MOH BA . 9.30 12.15 16.37
O MOH BA . 8.21 12.66 17.12
C MOH CA . 12.16 12.54 17.09
O MOH CA . 12.32 11.38 16.28
C MOH DA . -3.32 -8.10 15.36
O MOH DA . -3.00 -9.48 15.46
C MOH EA . 18.70 5.52 -1.85
O MOH EA . 18.71 4.10 -1.84
C MOH FA . -13.30 21.14 -0.04
O MOH FA . -14.30 20.28 0.48
C1 GOL GA . -9.65 -5.16 -15.01
O1 GOL GA . -9.61 -4.00 -15.84
C2 GOL GA . -10.39 -6.29 -15.70
O2 GOL GA . -10.97 -7.03 -14.59
C3 GOL GA . -9.38 -7.07 -16.55
O3 GOL GA . -9.73 -8.44 -16.83
#